data_2O50
#
_entry.id   2O50
#
_cell.length_a   76.004
_cell.length_b   76.004
_cell.length_c   187.471
_cell.angle_alpha   90.00
_cell.angle_beta   90.00
_cell.angle_gamma   120.00
#
_symmetry.space_group_name_H-M   'P 32 2 1'
#
loop_
_entity.id
_entity.type
_entity.pdbx_description
1 polymer 'Enoyl-acyl carrier reductase'
2 water water
#
_entity_poly.entity_id   1
_entity_poly.type   'polypeptide(L)'
_entity_poly.pdbx_seq_one_letter_code
;SAFPIDLRGQTAFVAGVADSHGYGWAIAKHLASAGARVALGTWPPVLGLFQKSLQSGRLDEDRKLPDGSLIEFAGVYPLD
AAFDKPEDVPQDIKDNKRYAGVDGYTIKEVAVKVKQDLGNIDILVHSLANGPEVTKPLLETSRKGYLAASSNSAYSFVSL
LQHFGPI(MSE)NEGGSAVTLSYLAAERVVPGYGGG(MSE)SSAKAALESDTRTLAWEAGQKYGVRVNAISAGPLKSRAA
SAIGKSGEKSFIDYAIDYSYNNAPLRRDLHSDDVGGAALFLLSPLARAVSGVTLYVDNGLHA(MSE)GQAVDSRS(MSE)
PPLQRATQEIN
;
_entity_poly.pdbx_strand_id   A,B
#
# COMPACT_ATOMS: atom_id res chain seq x y z
N PRO A 4 14.13 11.61 0.28
CA PRO A 4 13.04 11.46 -0.68
C PRO A 4 12.33 10.11 -0.44
N ILE A 5 12.68 9.10 -1.24
CA ILE A 5 12.98 7.73 -0.74
C ILE A 5 14.19 7.07 -1.40
N ASP A 6 15.09 6.56 -0.56
CA ASP A 6 16.47 6.35 -0.94
C ASP A 6 17.00 4.94 -0.80
N LEU A 7 16.92 4.21 -1.90
CA LEU A 7 17.42 2.86 -2.00
C LEU A 7 18.91 2.79 -2.30
N ARG A 8 19.63 3.92 -2.29
CA ARG A 8 21.08 3.86 -2.53
C ARG A 8 21.70 2.99 -1.46
N GLY A 9 22.84 2.38 -1.79
CA GLY A 9 23.47 1.39 -0.91
C GLY A 9 22.77 0.03 -0.85
N GLN A 10 21.61 -0.06 -1.49
CA GLN A 10 20.76 -1.25 -1.44
C GLN A 10 20.76 -2.06 -2.74
N THR A 11 20.61 -3.38 -2.59
CA THR A 11 20.61 -4.27 -3.73
C THR A 11 19.32 -5.10 -3.79
N ALA A 12 18.72 -5.15 -4.99
CA ALA A 12 17.43 -5.79 -5.27
C ALA A 12 17.54 -6.95 -6.25
N PHE A 13 16.94 -8.09 -5.91
CA PHE A 13 16.88 -9.21 -6.86
C PHE A 13 15.46 -9.40 -7.43
N VAL A 14 15.37 -9.25 -8.76
CA VAL A 14 14.12 -9.37 -9.45
C VAL A 14 14.05 -10.65 -10.28
N ALA A 15 13.26 -11.62 -9.80
CA ALA A 15 13.10 -12.91 -10.47
C ALA A 15 11.97 -12.88 -11.50
N GLY A 16 12.30 -13.22 -12.74
CA GLY A 16 11.30 -13.39 -13.79
C GLY A 16 11.13 -12.13 -14.58
N VAL A 17 12.16 -11.81 -15.37
CA VAL A 17 12.14 -10.69 -16.29
C VAL A 17 12.75 -11.22 -17.58
N ALA A 18 11.89 -11.49 -18.55
CA ALA A 18 12.36 -12.05 -19.81
C ALA A 18 12.10 -11.04 -20.93
N ASP A 19 10.86 -10.57 -20.99
CA ASP A 19 10.44 -9.48 -21.85
C ASP A 19 10.90 -8.15 -21.23
N SER A 20 10.27 -7.06 -21.66
CA SER A 20 10.54 -5.73 -21.10
C SER A 20 9.22 -4.98 -21.05
N HIS A 21 8.15 -5.76 -21.07
CA HIS A 21 6.79 -5.25 -21.00
C HIS A 21 6.03 -5.81 -19.82
N GLY A 22 6.63 -6.77 -19.14
CA GLY A 22 6.05 -7.30 -17.92
C GLY A 22 6.22 -6.41 -16.69
N TYR A 23 5.70 -6.90 -15.57
CA TYR A 23 5.80 -6.26 -14.25
C TYR A 23 7.23 -6.25 -13.69
N GLY A 24 7.90 -7.39 -13.82
CA GLY A 24 9.30 -7.51 -13.45
C GLY A 24 10.13 -6.38 -14.02
N TRP A 25 9.98 -6.10 -15.31
CA TRP A 25 10.71 -4.99 -15.90
C TRP A 25 10.34 -3.73 -15.16
N ALA A 26 9.04 -3.45 -15.17
CA ALA A 26 8.48 -2.25 -14.54
C ALA A 26 8.99 -2.06 -13.13
N ILE A 27 9.01 -3.13 -12.34
CA ILE A 27 9.48 -3.06 -10.95
C ILE A 27 10.97 -2.73 -10.82
N ALA A 28 11.81 -3.47 -11.52
CA ALA A 28 13.27 -3.20 -11.54
C ALA A 28 13.55 -1.77 -11.94
N LYS A 29 12.93 -1.38 -13.03
CA LYS A 29 13.00 -0.03 -13.53
C LYS A 29 12.79 0.95 -12.39
N HIS A 30 11.72 0.76 -11.60
CA HIS A 30 11.41 1.68 -10.49
C HIS A 30 12.43 1.68 -9.35
N LEU A 31 12.89 0.49 -8.99
CA LEU A 31 13.86 0.33 -7.91
C LEU A 31 15.15 1.07 -8.25
N ALA A 32 15.53 1.00 -9.53
CA ALA A 32 16.73 1.62 -10.05
C ALA A 32 16.58 3.13 -9.99
N SER A 33 15.42 3.63 -10.42
CA SER A 33 15.12 5.07 -10.33
C SER A 33 15.29 5.60 -8.90
N ALA A 34 15.10 4.74 -7.91
CA ALA A 34 15.24 5.14 -6.52
C ALA A 34 16.64 4.84 -5.99
N GLY A 35 17.54 4.46 -6.90
CA GLY A 35 18.96 4.26 -6.58
C GLY A 35 19.44 2.90 -6.12
N ALA A 36 18.70 1.85 -6.49
CA ALA A 36 19.08 0.47 -6.14
C ALA A 36 20.02 -0.17 -7.18
N ARG A 37 20.86 -1.07 -6.69
CA ARG A 37 21.53 -2.06 -7.52
C ARG A 37 20.48 -3.08 -7.91
N VAL A 38 20.29 -3.32 -9.21
CA VAL A 38 19.28 -4.30 -9.61
C VAL A 38 19.86 -5.48 -10.37
N ALA A 39 19.61 -6.69 -9.84
CA ALA A 39 19.99 -7.91 -10.53
C ALA A 39 18.75 -8.65 -11.02
N LEU A 40 18.93 -9.35 -12.15
CA LEU A 40 17.84 -10.02 -12.82
C LEU A 40 18.00 -11.54 -12.90
N GLY A 41 16.94 -12.27 -12.56
CA GLY A 41 16.85 -13.72 -12.81
C GLY A 41 15.86 -14.01 -13.94
N THR A 42 16.31 -14.78 -14.94
CA THR A 42 15.58 -15.03 -16.23
C THR A 42 15.47 -16.55 -16.52
N TRP A 43 14.28 -16.99 -16.97
CA TRP A 43 14.05 -18.38 -17.41
C TRP A 43 15.01 -18.74 -18.55
N PRO A 44 15.99 -19.64 -18.30
CA PRO A 44 17.15 -19.89 -19.16
C PRO A 44 16.96 -20.03 -20.68
N PRO A 45 15.85 -20.64 -21.14
CA PRO A 45 15.58 -20.61 -22.58
C PRO A 45 15.59 -19.23 -23.25
N VAL A 46 15.36 -18.16 -22.50
CA VAL A 46 15.30 -16.82 -23.10
C VAL A 46 16.48 -15.91 -22.72
N LEU A 47 17.40 -16.47 -21.92
CA LEU A 47 18.51 -15.71 -21.36
C LEU A 47 19.47 -15.20 -22.41
N GLY A 48 20.14 -16.11 -23.10
CA GLY A 48 21.08 -15.77 -24.17
C GLY A 48 20.51 -14.65 -25.02
N LEU A 49 19.30 -14.88 -25.53
CA LEU A 49 18.55 -13.89 -26.30
C LEU A 49 18.38 -12.57 -25.54
N PHE A 50 17.72 -12.62 -24.39
CA PHE A 50 17.47 -11.42 -23.58
C PHE A 50 18.80 -10.72 -23.31
N GLN A 51 19.75 -11.43 -22.73
CA GLN A 51 21.04 -10.84 -22.44
C GLN A 51 21.51 -10.18 -23.73
N LYS A 52 21.47 -10.94 -24.82
CA LYS A 52 21.85 -10.45 -26.15
C LYS A 52 21.22 -9.13 -26.54
N SER A 53 19.88 -9.08 -26.52
CA SER A 53 19.13 -7.91 -26.99
C SER A 53 19.39 -6.65 -26.15
N LEU A 54 19.62 -6.88 -24.85
CA LEU A 54 20.10 -5.81 -23.99
C LEU A 54 21.35 -5.21 -24.54
N GLN A 55 22.41 -6.02 -24.56
CA GLN A 55 23.80 -5.63 -24.94
C GLN A 55 24.02 -4.95 -26.31
N SER A 56 23.17 -5.25 -27.28
CA SER A 56 23.27 -4.66 -28.62
C SER A 56 22.90 -3.17 -28.63
N GLY A 57 21.93 -2.81 -27.80
CA GLY A 57 21.36 -1.46 -27.80
C GLY A 57 19.86 -1.47 -28.05
N ARG A 58 19.29 -2.65 -28.26
CA ARG A 58 17.84 -2.78 -28.44
C ARG A 58 17.02 -2.07 -27.38
N LEU A 59 17.27 -2.43 -26.13
CA LEU A 59 16.34 -2.06 -25.06
C LEU A 59 16.61 -0.67 -24.44
N ASP A 60 17.63 0.03 -24.97
CA ASP A 60 17.97 1.40 -24.61
C ASP A 60 16.79 2.36 -24.47
N GLU A 61 15.69 2.09 -25.17
CA GLU A 61 14.50 2.93 -25.08
C GLU A 61 13.62 2.53 -23.91
N ASP A 62 13.65 1.25 -23.59
CA ASP A 62 12.83 0.71 -22.52
C ASP A 62 13.54 0.79 -21.17
N ARG A 63 14.82 1.18 -21.24
CA ARG A 63 15.68 1.42 -20.08
C ARG A 63 15.76 2.91 -19.68
N LYS A 64 14.92 3.74 -20.29
CA LYS A 64 14.97 5.15 -20.02
C LYS A 64 14.19 5.45 -18.75
N LEU A 65 14.86 5.28 -17.62
CA LEU A 65 15.37 6.42 -16.88
C LEU A 65 14.45 7.59 -17.09
N PRO A 66 14.20 8.32 -16.01
CA PRO A 66 13.11 9.31 -15.97
C PRO A 66 13.69 10.68 -15.67
N ASP A 67 14.85 10.70 -15.02
CA ASP A 67 15.91 11.65 -15.41
C ASP A 67 16.27 11.65 -16.90
N GLY A 68 16.50 10.46 -17.46
CA GLY A 68 16.97 10.34 -18.84
C GLY A 68 18.15 9.38 -19.00
N SER A 69 18.73 8.96 -17.88
CA SER A 69 19.78 7.95 -17.89
C SER A 69 19.12 6.59 -18.13
N LEU A 70 19.92 5.54 -18.27
CA LEU A 70 19.37 4.21 -18.51
C LEU A 70 19.67 3.30 -17.34
N ILE A 71 18.75 2.41 -17.03
CA ILE A 71 18.90 1.41 -15.97
C ILE A 71 19.95 0.38 -16.33
N GLU A 72 20.79 0.05 -15.36
CA GLU A 72 21.85 -0.93 -15.57
C GLU A 72 21.67 -2.09 -14.60
N PHE A 73 22.22 -3.26 -14.92
CA PHE A 73 21.99 -4.42 -14.08
C PHE A 73 23.26 -5.01 -13.53
N ALA A 74 23.27 -5.19 -12.21
CA ALA A 74 24.42 -5.78 -11.51
C ALA A 74 24.56 -7.25 -11.89
N GLY A 75 23.55 -7.76 -12.59
CA GLY A 75 23.61 -9.08 -13.17
C GLY A 75 22.34 -9.48 -13.86
N VAL A 76 22.47 -10.41 -14.80
CA VAL A 76 21.33 -11.13 -15.35
C VAL A 76 21.68 -12.57 -15.10
N TYR A 77 20.76 -13.30 -14.48
CA TYR A 77 21.02 -14.67 -14.04
C TYR A 77 20.05 -15.66 -14.66
N PRO A 78 20.56 -16.82 -15.11
CA PRO A 78 19.61 -17.86 -15.43
C PRO A 78 18.85 -18.26 -14.14
N LEU A 79 17.53 -18.33 -14.25
CA LEU A 79 16.69 -18.79 -13.16
C LEU A 79 15.47 -19.51 -13.72
N ASP A 80 15.39 -20.80 -13.46
CA ASP A 80 14.17 -21.55 -13.72
C ASP A 80 13.58 -21.81 -12.34
N ALA A 81 12.44 -21.23 -12.07
CA ALA A 81 11.86 -21.38 -10.72
C ALA A 81 11.15 -22.71 -10.47
N ALA A 82 11.26 -23.65 -11.40
CA ALA A 82 10.63 -24.95 -11.24
C ALA A 82 11.56 -25.88 -10.47
N PHE A 83 12.81 -25.49 -10.29
CA PHE A 83 13.82 -26.36 -9.71
C PHE A 83 14.42 -25.68 -8.49
N ASP A 84 14.65 -26.43 -7.42
CA ASP A 84 15.24 -25.89 -6.21
C ASP A 84 16.72 -26.25 -6.09
N LYS A 85 17.00 -27.54 -6.11
CA LYS A 85 18.38 -28.02 -6.20
C LYS A 85 18.70 -28.54 -7.60
N PRO A 86 19.98 -28.75 -7.88
CA PRO A 86 20.41 -29.35 -9.14
C PRO A 86 20.03 -30.82 -9.23
N GLU A 87 19.85 -31.16 -8.17
CA GLU A 87 19.42 -32.55 -8.06
C GLU A 87 18.05 -32.71 -8.71
N ASP A 88 17.18 -31.71 -8.53
CA ASP A 88 15.77 -31.81 -8.98
C ASP A 88 15.58 -31.73 -10.50
N VAL A 89 16.65 -31.42 -11.25
CA VAL A 89 16.52 -31.28 -12.70
C VAL A 89 16.52 -32.66 -13.37
N PRO A 90 15.46 -32.83 -14.20
CA PRO A 90 15.37 -34.07 -14.99
C PRO A 90 16.33 -34.06 -16.18
N GLN A 91 16.72 -35.25 -16.65
CA GLN A 91 17.77 -35.35 -17.66
C GLN A 91 17.37 -34.68 -18.98
N ASP A 92 16.20 -35.04 -19.50
CA ASP A 92 15.69 -34.49 -20.76
C ASP A 92 15.66 -32.95 -20.80
N ILE A 93 15.77 -32.32 -19.64
CA ILE A 93 15.94 -30.87 -19.50
C ILE A 93 17.45 -30.55 -19.54
N LYS A 94 18.22 -31.23 -18.72
CA LYS A 94 19.67 -31.07 -18.74
C LYS A 94 20.18 -31.26 -20.16
N ASP A 95 19.54 -32.17 -20.86
CA ASP A 95 19.86 -32.45 -22.26
C ASP A 95 19.13 -31.53 -23.22
N ASN A 96 17.85 -31.26 -22.96
CA ASN A 96 17.05 -30.35 -23.79
C ASN A 96 17.92 -29.27 -24.40
N LYS A 97 17.95 -29.26 -25.74
CA LYS A 97 18.74 -28.32 -26.52
C LYS A 97 18.53 -26.86 -26.10
N ARG A 98 17.26 -26.47 -25.86
CA ARG A 98 16.93 -25.07 -25.51
C ARG A 98 17.72 -24.49 -24.34
N TYR A 99 18.34 -25.36 -23.53
CA TYR A 99 19.08 -24.97 -22.32
C TYR A 99 20.62 -24.96 -22.48
N ALA A 100 21.11 -25.08 -23.71
CA ALA A 100 22.55 -25.22 -23.96
C ALA A 100 23.41 -24.01 -23.54
N GLY A 101 24.55 -24.29 -22.89
CA GLY A 101 25.46 -23.24 -22.42
C GLY A 101 25.30 -22.88 -20.93
N VAL A 102 24.10 -22.46 -20.57
CA VAL A 102 23.71 -22.10 -19.19
C VAL A 102 23.85 -23.24 -18.14
N ASP A 103 24.22 -22.89 -16.91
CA ASP A 103 24.32 -23.84 -15.78
C ASP A 103 24.01 -23.12 -14.48
N GLY A 104 23.29 -23.79 -13.58
CA GLY A 104 23.05 -23.23 -12.23
C GLY A 104 21.90 -22.27 -12.14
N TYR A 105 20.72 -22.74 -12.52
CA TYR A 105 19.53 -21.91 -12.57
C TYR A 105 18.45 -22.45 -11.63
N THR A 106 18.89 -23.32 -10.73
CA THR A 106 18.04 -23.83 -9.67
C THR A 106 18.15 -22.83 -8.55
N ILE A 107 16.99 -22.41 -8.03
CA ILE A 107 16.90 -21.39 -7.01
C ILE A 107 18.15 -21.33 -6.11
N LYS A 108 18.49 -22.43 -5.43
CA LYS A 108 19.68 -22.46 -4.54
C LYS A 108 20.97 -21.97 -5.19
N GLU A 109 21.19 -22.38 -6.44
CA GLU A 109 22.41 -22.03 -7.16
C GLU A 109 22.49 -20.54 -7.44
N VAL A 110 21.36 -19.99 -7.89
CA VAL A 110 21.24 -18.56 -8.15
C VAL A 110 21.63 -17.78 -6.89
N ALA A 111 21.11 -18.24 -5.74
CA ALA A 111 21.36 -17.64 -4.43
C ALA A 111 22.85 -17.58 -4.10
N VAL A 112 23.51 -18.74 -4.13
CA VAL A 112 24.98 -18.81 -4.01
C VAL A 112 25.74 -17.82 -4.93
N LYS A 113 25.41 -17.82 -6.22
CA LYS A 113 26.01 -16.86 -7.17
C LYS A 113 25.75 -15.41 -6.77
N VAL A 114 24.50 -15.12 -6.42
CA VAL A 114 24.12 -13.77 -6.01
C VAL A 114 24.88 -13.38 -4.76
N LYS A 115 24.87 -14.25 -3.76
CA LYS A 115 25.60 -14.04 -2.50
C LYS A 115 27.04 -13.72 -2.79
N GLN A 116 27.70 -14.50 -3.64
CA GLN A 116 29.12 -14.27 -3.96
C GLN A 116 29.32 -12.94 -4.70
N ASP A 117 28.75 -12.84 -5.90
CA ASP A 117 28.93 -11.69 -6.81
C ASP A 117 28.57 -10.34 -6.21
N LEU A 118 27.65 -10.35 -5.25
CA LEU A 118 27.02 -9.12 -4.78
C LEU A 118 26.95 -9.09 -3.26
N GLY A 119 26.68 -10.24 -2.64
CA GLY A 119 26.54 -10.28 -1.20
C GLY A 119 25.08 -10.08 -0.85
N ASN A 120 24.84 -9.77 0.41
CA ASN A 120 23.51 -9.62 0.95
C ASN A 120 22.67 -8.61 0.19
N ILE A 121 21.39 -8.99 0.02
CA ILE A 121 20.41 -8.18 -0.69
C ILE A 121 19.39 -7.67 0.33
N ASP A 122 18.54 -6.73 -0.09
CA ASP A 122 17.56 -6.10 0.78
C ASP A 122 16.17 -6.21 0.17
N ILE A 123 16.12 -6.31 -1.15
CA ILE A 123 14.88 -6.30 -1.89
C ILE A 123 14.78 -7.54 -2.75
N LEU A 124 13.65 -8.24 -2.67
CA LEU A 124 13.43 -9.44 -3.47
C LEU A 124 12.02 -9.44 -4.16
N VAL A 125 12.03 -9.54 -5.49
CA VAL A 125 10.82 -9.46 -6.31
C VAL A 125 10.54 -10.83 -6.91
N HIS A 126 9.27 -11.21 -6.91
CA HIS A 126 8.84 -12.49 -7.43
C HIS A 126 7.84 -12.24 -8.53
N SER A 127 8.35 -12.11 -9.75
CA SER A 127 7.48 -11.92 -10.90
C SER A 127 7.42 -13.19 -11.72
N LEU A 128 6.66 -14.18 -11.22
CA LEU A 128 6.62 -15.53 -11.81
C LEU A 128 5.26 -16.16 -11.65
N ALA A 129 4.69 -16.51 -12.80
CA ALA A 129 3.36 -17.11 -12.89
C ALA A 129 3.32 -17.92 -14.18
N ASN A 130 3.06 -19.22 -14.07
CA ASN A 130 2.95 -20.03 -15.27
C ASN A 130 2.06 -21.22 -15.13
N GLY A 131 1.07 -21.32 -16.01
CA GLY A 131 0.08 -22.40 -15.94
C GLY A 131 -0.36 -22.95 -17.27
N PRO A 132 0.13 -24.16 -17.63
CA PRO A 132 0.00 -24.71 -18.97
C PRO A 132 -1.44 -24.98 -19.38
N GLU A 133 -2.38 -24.93 -18.44
CA GLU A 133 -3.79 -25.20 -18.75
C GLU A 133 -4.71 -24.00 -18.48
N VAL A 134 -4.09 -22.84 -18.25
CA VAL A 134 -4.79 -21.60 -17.92
C VAL A 134 -6.02 -21.24 -18.76
N THR A 135 -6.05 -21.65 -20.02
CA THR A 135 -7.20 -21.35 -20.86
C THR A 135 -8.32 -22.34 -20.57
N LYS A 136 -7.97 -23.52 -20.07
CA LYS A 136 -9.01 -24.49 -19.68
C LYS A 136 -9.67 -24.14 -18.30
N PRO A 137 -11.02 -24.09 -18.27
CA PRO A 137 -11.78 -23.95 -17.01
C PRO A 137 -11.41 -24.97 -15.93
N LEU A 138 -11.72 -24.66 -14.68
CA LEU A 138 -11.20 -25.46 -13.57
C LEU A 138 -11.73 -26.90 -13.59
N LEU A 139 -12.88 -27.11 -14.22
CA LEU A 139 -13.51 -28.43 -14.29
C LEU A 139 -12.95 -29.26 -15.40
N GLU A 140 -11.89 -28.75 -16.02
CA GLU A 140 -11.28 -29.38 -17.18
C GLU A 140 -9.78 -29.27 -17.05
N THR A 141 -9.33 -28.79 -15.91
CA THR A 141 -7.92 -28.70 -15.58
C THR A 141 -7.57 -30.04 -15.02
N SER A 142 -6.36 -30.52 -15.34
CA SER A 142 -5.87 -31.83 -14.86
C SER A 142 -5.15 -31.65 -13.54
N ARG A 143 -4.90 -32.76 -12.85
CA ARG A 143 -3.94 -32.75 -11.74
C ARG A 143 -2.56 -32.26 -12.19
N LYS A 144 -2.06 -32.78 -13.31
CA LYS A 144 -0.70 -32.44 -13.77
C LYS A 144 -0.49 -30.94 -13.94
N GLY A 145 -1.43 -30.28 -14.64
CA GLY A 145 -1.35 -28.83 -14.92
C GLY A 145 -1.59 -27.94 -13.71
N TYR A 146 -2.48 -28.42 -12.83
CA TYR A 146 -2.85 -27.74 -11.58
C TYR A 146 -1.68 -27.76 -10.63
N LEU A 147 -0.98 -28.88 -10.57
CA LEU A 147 0.23 -28.92 -9.78
C LEU A 147 1.30 -28.10 -10.46
N ALA A 148 1.39 -28.22 -11.79
CA ALA A 148 2.29 -27.38 -12.55
C ALA A 148 2.09 -25.91 -12.16
N ALA A 149 0.85 -25.45 -12.26
CA ALA A 149 0.54 -24.07 -11.96
C ALA A 149 0.99 -23.68 -10.56
N SER A 150 0.71 -24.53 -9.56
CA SER A 150 1.06 -24.26 -8.16
C SER A 150 2.55 -24.25 -7.98
N SER A 151 3.20 -25.12 -8.72
CA SER A 151 4.61 -25.32 -8.63
C SER A 151 5.34 -24.12 -9.22
N ASN A 152 4.77 -23.48 -10.23
CA ASN A 152 5.45 -22.37 -10.86
C ASN A 152 5.17 -21.01 -10.25
N SER A 153 3.97 -20.85 -9.71
CA SER A 153 3.42 -19.55 -9.37
C SER A 153 3.21 -19.37 -7.87
N ALA A 154 3.09 -20.47 -7.13
CA ALA A 154 3.16 -20.42 -5.68
C ALA A 154 4.53 -20.92 -5.18
N TYR A 155 4.71 -22.23 -4.99
CA TYR A 155 5.92 -22.70 -4.33
C TYR A 155 7.17 -21.86 -4.61
N SER A 156 7.43 -21.56 -5.88
CA SER A 156 8.64 -20.80 -6.27
C SER A 156 8.93 -19.62 -5.35
N PHE A 157 7.87 -18.94 -4.90
CA PHE A 157 7.98 -17.84 -3.93
C PHE A 157 8.52 -18.36 -2.61
N VAL A 158 7.99 -19.49 -2.15
CA VAL A 158 8.44 -20.10 -0.91
C VAL A 158 9.93 -20.44 -0.99
N SER A 159 10.35 -20.97 -2.12
CA SER A 159 11.74 -21.36 -2.32
C SER A 159 12.62 -20.14 -2.46
N LEU A 160 12.10 -19.10 -3.10
CA LEU A 160 12.87 -17.87 -3.25
C LEU A 160 13.27 -17.36 -1.87
N LEU A 161 12.29 -17.33 -0.97
CA LEU A 161 12.51 -16.92 0.41
C LEU A 161 13.42 -17.87 1.18
N GLN A 162 13.08 -19.16 1.17
CA GLN A 162 13.91 -20.16 1.82
C GLN A 162 15.39 -20.00 1.51
N HIS A 163 15.71 -19.74 0.24
CA HIS A 163 17.08 -19.66 -0.21
C HIS A 163 17.67 -18.27 -0.15
N PHE A 164 16.84 -17.24 -0.32
CA PHE A 164 17.36 -15.86 -0.27
C PHE A 164 17.35 -15.28 1.14
N GLY A 165 16.34 -15.66 1.92
CA GLY A 165 16.17 -15.22 3.31
C GLY A 165 17.51 -15.14 3.99
N PRO A 166 18.22 -16.29 4.09
CA PRO A 166 19.59 -16.31 4.59
C PRO A 166 20.51 -15.14 4.16
N ILE A 167 20.45 -14.68 2.90
CA ILE A 167 21.29 -13.55 2.50
C ILE A 167 20.60 -12.18 2.52
N MSE A 168 19.54 -12.07 3.30
CA MSE A 168 18.80 -10.83 3.30
C MSE A 168 19.05 -10.00 4.55
O MSE A 168 18.90 -10.49 5.64
CB MSE A 168 17.32 -11.13 3.10
CG MSE A 168 16.98 -11.53 1.69
SE MSE A 168 15.06 -11.45 1.39
CE MSE A 168 14.59 -13.24 1.51
N ASN A 169 19.45 -8.75 4.37
CA ASN A 169 19.59 -7.80 5.48
C ASN A 169 18.32 -7.61 6.30
N GLU A 170 18.49 -7.47 7.62
CA GLU A 170 17.37 -7.23 8.50
C GLU A 170 16.70 -5.96 8.02
N GLY A 171 15.37 -5.97 8.03
CA GLY A 171 14.61 -4.84 7.50
C GLY A 171 14.35 -4.90 6.00
N GLY A 172 14.75 -6.00 5.36
CA GLY A 172 14.50 -6.19 3.94
C GLY A 172 13.05 -6.54 3.65
N SER A 173 12.69 -6.62 2.38
CA SER A 173 11.32 -6.89 2.03
C SER A 173 11.21 -7.60 0.70
N ALA A 174 10.25 -8.50 0.60
CA ALA A 174 9.99 -9.19 -0.65
C ALA A 174 8.56 -8.93 -1.09
N VAL A 175 8.35 -9.03 -2.39
CA VAL A 175 7.02 -8.82 -2.93
C VAL A 175 6.73 -9.84 -4.02
N THR A 176 5.46 -10.24 -4.13
CA THR A 176 5.02 -11.06 -5.28
C THR A 176 3.82 -10.42 -5.90
N LEU A 177 3.31 -11.02 -6.97
CA LEU A 177 2.19 -10.43 -7.71
C LEU A 177 1.06 -11.41 -7.80
N SER A 178 -0.10 -10.97 -7.37
CA SER A 178 -1.27 -11.83 -7.35
C SER A 178 -2.34 -11.30 -8.34
N TYR A 179 -3.52 -11.89 -8.34
CA TYR A 179 -4.61 -11.40 -9.21
C TYR A 179 -5.96 -11.67 -8.57
N LEU A 180 -6.94 -10.83 -8.86
CA LEU A 180 -8.22 -10.82 -8.13
C LEU A 180 -8.94 -12.18 -8.09
N ALA A 181 -8.68 -13.00 -9.11
CA ALA A 181 -9.37 -14.27 -9.27
C ALA A 181 -9.05 -15.17 -8.10
N ALA A 182 -7.98 -14.84 -7.37
CA ALA A 182 -7.54 -15.66 -6.25
C ALA A 182 -8.50 -15.47 -5.06
N GLU A 183 -9.23 -14.37 -5.06
CA GLU A 183 -10.23 -14.13 -4.02
C GLU A 183 -11.65 -14.25 -4.55
N ARG A 184 -11.82 -14.07 -5.85
CA ARG A 184 -13.15 -13.99 -6.41
C ARG A 184 -13.14 -14.47 -7.83
N VAL A 185 -14.21 -15.12 -8.22
CA VAL A 185 -14.22 -15.84 -9.45
C VAL A 185 -14.03 -14.90 -10.63
N VAL A 186 -12.94 -15.10 -11.38
CA VAL A 186 -12.80 -14.52 -12.72
C VAL A 186 -12.87 -15.67 -13.75
N PRO A 187 -14.01 -15.82 -14.43
CA PRO A 187 -14.13 -16.87 -15.43
C PRO A 187 -13.10 -16.64 -16.50
N GLY A 188 -12.37 -17.68 -16.88
CA GLY A 188 -11.44 -17.59 -17.99
C GLY A 188 -10.02 -17.64 -17.51
N TYR A 189 -9.79 -17.16 -16.30
CA TYR A 189 -8.51 -17.31 -15.65
C TYR A 189 -8.47 -18.70 -15.01
N GLY A 190 -8.14 -19.69 -15.84
CA GLY A 190 -8.21 -21.08 -15.42
C GLY A 190 -6.90 -21.80 -15.23
N GLY A 191 -6.94 -23.10 -15.42
CA GLY A 191 -5.78 -23.95 -15.27
C GLY A 191 -5.28 -24.12 -13.85
N GLY A 192 -6.04 -23.60 -12.89
CA GLY A 192 -5.61 -23.58 -11.48
C GLY A 192 -4.79 -22.36 -11.08
N MSE A 193 -4.69 -21.38 -11.98
CA MSE A 193 -3.92 -20.18 -11.71
C MSE A 193 -4.57 -19.41 -10.58
O MSE A 193 -3.90 -18.97 -9.66
CB MSE A 193 -3.84 -19.33 -12.95
CG MSE A 193 -2.77 -19.84 -13.92
SE MSE A 193 -1.02 -19.96 -13.05
CE MSE A 193 -0.83 -18.10 -12.40
N SER A 194 -5.88 -19.26 -10.69
CA SER A 194 -6.77 -18.94 -9.58
C SER A 194 -6.33 -19.58 -8.24
N SER A 195 -6.08 -20.89 -8.24
CA SER A 195 -5.79 -21.60 -7.00
C SER A 195 -4.37 -21.35 -6.54
N ALA A 196 -3.44 -21.40 -7.49
CA ALA A 196 -2.04 -21.07 -7.29
C ALA A 196 -1.89 -19.70 -6.63
N LYS A 197 -2.76 -18.77 -7.02
CA LYS A 197 -2.65 -17.42 -6.50
C LYS A 197 -3.25 -17.31 -5.10
N ALA A 198 -4.28 -18.06 -4.79
CA ALA A 198 -4.83 -18.00 -3.44
C ALA A 198 -3.79 -18.61 -2.49
N ALA A 199 -3.16 -19.69 -2.93
CA ALA A 199 -2.04 -20.25 -2.18
C ALA A 199 -0.96 -19.19 -2.03
N LEU A 200 -0.74 -18.42 -3.09
CA LEU A 200 0.33 -17.41 -3.14
C LEU A 200 0.06 -16.26 -2.15
N GLU A 201 -1.17 -15.77 -2.11
CA GLU A 201 -1.50 -14.76 -1.14
C GLU A 201 -1.38 -15.30 0.27
N SER A 202 -1.67 -16.59 0.44
CA SER A 202 -1.65 -17.19 1.76
C SER A 202 -0.24 -17.34 2.26
N ASP A 203 0.62 -17.85 1.40
CA ASP A 203 2.04 -17.91 1.72
C ASP A 203 2.62 -16.54 2.07
N THR A 204 2.24 -15.53 1.30
CA THR A 204 2.59 -14.15 1.65
C THR A 204 2.34 -13.80 3.12
N ARG A 205 1.23 -14.23 3.69
CA ARG A 205 0.97 -14.01 5.11
C ARG A 205 1.83 -14.93 6.03
N THR A 206 1.79 -16.23 5.78
CA THR A 206 2.59 -17.17 6.55
C THR A 206 4.07 -16.76 6.56
N LEU A 207 4.65 -16.61 5.36
CA LEU A 207 6.07 -16.23 5.20
C LEU A 207 6.40 -14.91 5.94
N ALA A 208 5.48 -13.95 5.83
CA ALA A 208 5.57 -12.70 6.52
C ALA A 208 5.89 -12.95 7.98
N TRP A 209 5.12 -13.83 8.61
CA TRP A 209 5.36 -14.18 10.00
C TRP A 209 6.75 -14.76 10.09
N GLU A 210 6.92 -15.97 9.60
CA GLU A 210 8.22 -16.64 9.60
C GLU A 210 9.43 -15.77 9.19
N ALA A 211 9.43 -15.14 8.01
CA ALA A 211 10.63 -14.39 7.61
C ALA A 211 10.73 -13.16 8.51
N GLY A 212 9.57 -12.58 8.81
CA GLY A 212 9.47 -11.49 9.77
C GLY A 212 10.19 -11.77 11.07
N GLN A 213 9.96 -12.97 11.60
CA GLN A 213 10.57 -13.42 12.83
C GLN A 213 11.99 -13.88 12.67
N LYS A 214 12.29 -14.59 11.58
CA LYS A 214 13.59 -15.24 11.48
C LYS A 214 14.61 -14.29 10.93
N TYR A 215 14.33 -13.69 9.78
CA TYR A 215 15.30 -12.79 9.17
C TYR A 215 14.97 -11.30 9.36
N GLY A 216 13.81 -11.01 9.96
CA GLY A 216 13.41 -9.63 10.21
C GLY A 216 13.06 -8.98 8.89
N VAL A 217 12.43 -9.77 8.01
CA VAL A 217 12.11 -9.34 6.66
C VAL A 217 10.58 -9.26 6.45
N ARG A 218 10.16 -8.39 5.55
CA ARG A 218 8.75 -8.17 5.27
C ARG A 218 8.35 -8.90 3.97
N VAL A 219 7.09 -9.30 3.90
CA VAL A 219 6.61 -10.09 2.77
C VAL A 219 5.21 -9.59 2.37
N ASN A 220 5.12 -9.06 1.14
CA ASN A 220 3.87 -8.46 0.69
C ASN A 220 3.49 -8.78 -0.75
N ALA A 221 2.23 -8.54 -1.07
CA ALA A 221 1.75 -8.87 -2.40
C ALA A 221 1.02 -7.69 -3.00
N ILE A 222 1.18 -7.54 -4.33
CA ILE A 222 0.38 -6.63 -5.15
C ILE A 222 -0.55 -7.43 -6.05
N SER A 223 -1.85 -7.27 -5.83
CA SER A 223 -2.87 -7.96 -6.61
C SER A 223 -3.23 -7.02 -7.75
N ALA A 224 -2.77 -7.32 -8.96
CA ALA A 224 -2.84 -6.36 -10.07
C ALA A 224 -4.06 -6.58 -10.94
N GLY A 225 -4.47 -5.52 -11.62
CA GLY A 225 -5.42 -5.67 -12.70
C GLY A 225 -4.76 -6.11 -13.97
N PRO A 226 -5.45 -5.92 -15.07
CA PRO A 226 -5.01 -6.43 -16.36
C PRO A 226 -4.04 -5.51 -17.08
N LEU A 227 -2.82 -5.98 -17.31
CA LEU A 227 -1.93 -5.29 -18.24
C LEU A 227 -1.65 -6.16 -19.47
N LYS A 241 -11.88 -10.34 -29.49
CA LYS A 241 -10.46 -10.12 -29.25
C LYS A 241 -9.90 -11.23 -28.38
N SER A 242 -9.10 -10.63 -27.49
CA SER A 242 -8.41 -11.46 -26.50
C SER A 242 -9.21 -11.56 -25.21
N PHE A 243 -8.79 -12.45 -24.32
CA PHE A 243 -9.33 -12.51 -22.96
C PHE A 243 -8.81 -11.36 -22.11
N ILE A 244 -7.53 -11.03 -22.29
CA ILE A 244 -7.00 -9.76 -21.78
C ILE A 244 -7.81 -8.58 -22.29
N ASP A 245 -8.05 -8.54 -23.59
CA ASP A 245 -8.66 -7.38 -24.22
C ASP A 245 -9.96 -7.05 -23.51
N TYR A 246 -10.79 -8.07 -23.32
CA TYR A 246 -12.08 -7.90 -22.68
C TYR A 246 -11.90 -7.49 -21.25
N ALA A 247 -10.94 -8.14 -20.58
CA ALA A 247 -10.54 -7.76 -19.22
C ALA A 247 -10.20 -6.28 -19.16
N ILE A 248 -9.18 -5.82 -19.88
CA ILE A 248 -8.83 -4.41 -19.87
C ILE A 248 -10.09 -3.54 -20.01
N ASP A 249 -10.84 -3.78 -21.10
CA ASP A 249 -12.08 -3.05 -21.41
C ASP A 249 -13.07 -3.00 -20.27
N TYR A 250 -13.33 -4.16 -19.67
CA TYR A 250 -14.17 -4.28 -18.48
C TYR A 250 -13.68 -3.32 -17.39
N SER A 251 -12.42 -3.42 -17.01
CA SER A 251 -11.91 -2.68 -15.88
C SER A 251 -11.99 -1.19 -16.19
N TYR A 252 -11.58 -0.84 -17.39
CA TYR A 252 -11.72 0.53 -17.85
C TYR A 252 -13.16 1.02 -17.69
N ASN A 253 -14.14 0.13 -17.89
CA ASN A 253 -15.55 0.50 -17.87
C ASN A 253 -16.23 0.38 -16.52
N ASN A 254 -15.55 -0.16 -15.52
CA ASN A 254 -16.22 -0.55 -14.31
C ASN A 254 -15.48 -0.19 -13.03
N ALA A 255 -14.18 0.03 -13.15
CA ALA A 255 -13.37 0.49 -12.04
C ALA A 255 -13.74 1.89 -11.58
N PRO A 256 -13.63 2.17 -10.27
CA PRO A 256 -13.77 3.57 -9.83
C PRO A 256 -12.99 4.60 -10.68
N LEU A 257 -11.68 4.41 -10.88
CA LEU A 257 -10.87 5.32 -11.73
C LEU A 257 -10.93 4.94 -13.20
N ARG A 258 -11.52 5.78 -14.03
CA ARG A 258 -11.63 5.41 -15.42
C ARG A 258 -10.28 5.65 -16.14
N ARG A 259 -9.35 4.71 -15.97
CA ARG A 259 -8.07 4.77 -16.69
C ARG A 259 -7.61 3.38 -17.08
N ASP A 260 -6.65 3.33 -18.00
CA ASP A 260 -5.87 2.12 -18.28
C ASP A 260 -4.85 1.93 -17.18
N LEU A 261 -4.57 0.67 -16.88
CA LEU A 261 -3.54 0.31 -15.93
C LEU A 261 -2.17 0.21 -16.61
N HIS A 262 -1.33 1.23 -16.44
CA HIS A 262 0.05 1.11 -16.90
C HIS A 262 0.83 0.18 -15.95
N SER A 263 1.91 -0.41 -16.46
CA SER A 263 2.80 -1.24 -15.66
C SER A 263 3.62 -0.40 -14.66
N ASP A 264 3.76 0.90 -14.95
CA ASP A 264 4.41 1.85 -14.02
C ASP A 264 3.63 1.97 -12.72
N ASP A 265 2.31 1.82 -12.82
CA ASP A 265 1.43 1.89 -11.66
C ASP A 265 1.82 0.81 -10.66
N VAL A 266 1.94 -0.41 -11.15
CA VAL A 266 2.39 -1.53 -10.36
C VAL A 266 3.85 -1.27 -9.96
N GLY A 267 4.68 -0.96 -10.96
CA GLY A 267 6.06 -0.54 -10.73
C GLY A 267 6.21 0.37 -9.51
N GLY A 268 5.48 1.47 -9.47
CA GLY A 268 5.55 2.41 -8.34
C GLY A 268 5.09 1.84 -7.00
N ALA A 269 4.07 0.97 -7.04
CA ALA A 269 3.50 0.46 -5.80
C ALA A 269 4.37 -0.64 -5.23
N ALA A 270 5.17 -1.28 -6.09
CA ALA A 270 6.17 -2.21 -5.63
C ALA A 270 7.25 -1.35 -4.98
N LEU A 271 7.65 -0.30 -5.70
CA LEU A 271 8.65 0.62 -5.23
C LEU A 271 8.30 1.15 -3.86
N PHE A 272 7.04 1.43 -3.59
CA PHE A 272 6.73 1.80 -2.22
C PHE A 272 6.90 0.63 -1.28
N LEU A 273 6.36 -0.53 -1.68
CA LEU A 273 6.31 -1.72 -0.82
C LEU A 273 7.67 -2.30 -0.44
N LEU A 274 8.62 -2.09 -1.32
CA LEU A 274 9.95 -2.58 -1.13
C LEU A 274 10.88 -1.54 -0.48
N SER A 275 10.35 -0.36 -0.19
CA SER A 275 11.13 0.75 0.37
C SER A 275 10.94 1.00 1.88
N PRO A 276 11.93 1.64 2.54
CA PRO A 276 11.82 1.95 3.98
C PRO A 276 10.50 2.59 4.41
N LEU A 277 9.81 3.23 3.46
CA LEU A 277 8.54 3.90 3.75
C LEU A 277 7.53 2.90 4.22
N ALA A 278 7.78 1.64 3.87
CA ALA A 278 6.86 0.57 4.12
C ALA A 278 7.35 -0.35 5.23
N ARG A 279 8.16 0.17 6.14
CA ARG A 279 8.82 -0.70 7.14
C ARG A 279 7.85 -1.29 8.17
N ALA A 280 6.64 -0.75 8.26
CA ALA A 280 5.68 -1.30 9.20
C ALA A 280 4.65 -2.09 8.42
N VAL A 281 4.91 -2.26 7.13
CA VAL A 281 3.96 -2.93 6.26
C VAL A 281 4.43 -4.35 6.00
N SER A 282 3.62 -5.33 6.43
CA SER A 282 3.92 -6.72 6.16
C SER A 282 2.69 -7.60 6.08
N GLY A 283 2.72 -8.51 5.13
CA GLY A 283 1.70 -9.55 5.01
C GLY A 283 0.48 -9.10 4.26
N VAL A 284 0.59 -8.00 3.53
CA VAL A 284 -0.55 -7.45 2.82
C VAL A 284 -0.74 -7.96 1.37
N THR A 285 -1.98 -7.88 0.90
CA THR A 285 -2.29 -7.94 -0.50
C THR A 285 -2.68 -6.53 -0.83
N LEU A 286 -1.87 -5.85 -1.65
CA LEU A 286 -2.22 -4.50 -2.13
C LEU A 286 -2.82 -4.50 -3.57
N TYR A 287 -4.11 -4.18 -3.70
CA TYR A 287 -4.77 -4.05 -5.02
C TYR A 287 -4.35 -2.81 -5.78
N VAL A 288 -3.61 -3.02 -6.85
CA VAL A 288 -3.17 -1.96 -7.74
C VAL A 288 -3.92 -2.17 -9.06
N ASP A 289 -5.17 -1.69 -9.10
CA ASP A 289 -6.15 -2.20 -10.05
C ASP A 289 -7.22 -1.18 -10.48
N ASN A 290 -6.91 0.10 -10.26
CA ASN A 290 -7.85 1.20 -10.47
C ASN A 290 -9.12 1.18 -9.57
N GLY A 291 -9.06 0.39 -8.51
CA GLY A 291 -10.12 0.40 -7.51
C GLY A 291 -11.10 -0.73 -7.69
N LEU A 292 -10.91 -1.52 -8.74
CA LEU A 292 -11.90 -2.50 -9.14
C LEU A 292 -12.30 -3.51 -8.05
N HIS A 293 -11.34 -3.95 -7.25
CA HIS A 293 -11.63 -4.89 -6.18
C HIS A 293 -12.74 -4.34 -5.29
N ALA A 294 -12.84 -3.02 -5.19
CA ALA A 294 -13.80 -2.45 -4.28
C ALA A 294 -15.27 -2.65 -4.73
N MSE A 295 -15.46 -3.14 -5.95
CA MSE A 295 -16.81 -3.16 -6.53
C MSE A 295 -17.63 -4.43 -6.26
O MSE A 295 -17.11 -5.53 -6.15
CB MSE A 295 -16.77 -2.81 -8.02
CG MSE A 295 -16.03 -1.49 -8.35
SE MSE A 295 -16.84 0.15 -7.62
CE MSE A 295 -18.40 0.26 -8.82
N GLY A 296 -18.93 -4.23 -6.10
CA GLY A 296 -19.86 -5.30 -5.83
C GLY A 296 -20.72 -5.52 -7.04
N GLN A 297 -20.67 -4.59 -7.98
CA GLN A 297 -21.28 -4.82 -9.29
C GLN A 297 -20.74 -4.02 -10.47
N ALA A 298 -21.06 -4.51 -11.66
CA ALA A 298 -20.74 -3.81 -12.91
C ALA A 298 -21.81 -2.79 -13.25
N VAL A 299 -21.38 -1.58 -13.54
CA VAL A 299 -22.32 -0.55 -14.01
C VAL A 299 -22.70 -0.83 -15.48
N ASP A 300 -21.97 -1.79 -16.03
CA ASP A 300 -21.90 -2.20 -17.44
C ASP A 300 -23.00 -3.15 -17.80
N SER A 301 -23.52 -3.88 -16.83
CA SER A 301 -24.39 -5.02 -17.06
C SER A 301 -25.51 -4.78 -18.08
N ARG A 302 -25.66 -5.74 -18.98
CA ARG A 302 -26.77 -5.81 -19.90
C ARG A 302 -28.11 -5.98 -19.16
N SER A 303 -28.04 -6.14 -17.84
CA SER A 303 -29.22 -6.13 -16.98
C SER A 303 -29.58 -4.70 -16.57
N MSE A 304 -28.55 -3.86 -16.38
CA MSE A 304 -28.71 -2.43 -16.07
C MSE A 304 -29.10 -1.60 -17.31
O MSE A 304 -29.09 -2.12 -18.44
CB MSE A 304 -27.43 -1.88 -15.45
CG MSE A 304 -26.79 -2.76 -14.35
SE MSE A 304 -27.92 -3.01 -12.76
CE MSE A 304 -27.64 -1.20 -11.96
N PRO A 305 -29.46 -0.30 -17.13
CA PRO A 305 -29.52 0.57 -18.30
C PRO A 305 -28.25 1.43 -18.37
N PRO A 306 -27.96 2.03 -19.56
CA PRO A 306 -26.71 2.81 -19.73
C PRO A 306 -26.53 3.91 -18.68
N PHE B 3 12.90 12.40 -6.50
CA PHE B 3 12.28 12.27 -7.87
C PHE B 3 11.23 11.15 -8.02
N PRO B 4 11.36 10.04 -7.25
CA PRO B 4 10.28 9.05 -7.17
C PRO B 4 8.97 9.59 -6.53
N ILE B 5 9.06 10.54 -5.61
CA ILE B 5 7.86 11.23 -5.11
C ILE B 5 8.02 12.77 -5.14
N ASP B 6 7.92 13.36 -6.31
CA ASP B 6 8.04 14.81 -6.37
C ASP B 6 6.67 15.48 -6.21
N LEU B 7 6.40 16.03 -5.03
CA LEU B 7 5.07 16.61 -4.75
C LEU B 7 5.08 18.13 -4.90
N ARG B 8 6.22 18.65 -5.34
CA ARG B 8 6.35 20.07 -5.63
C ARG B 8 5.24 20.40 -6.62
N GLY B 9 4.57 21.52 -6.39
CA GLY B 9 3.39 21.88 -7.17
C GLY B 9 2.12 21.57 -6.42
N GLN B 10 2.14 20.58 -5.54
CA GLN B 10 0.91 20.12 -4.94
C GLN B 10 0.58 20.72 -3.56
N THR B 11 -0.70 21.00 -3.34
CA THR B 11 -1.18 21.49 -2.05
C THR B 11 -2.01 20.44 -1.35
N ALA B 12 -1.78 20.29 -0.06
CA ALA B 12 -2.51 19.33 0.76
C ALA B 12 -3.20 20.01 1.91
N PHE B 13 -4.36 19.47 2.28
CA PHE B 13 -5.08 19.90 3.48
C PHE B 13 -5.22 18.70 4.41
N VAL B 14 -4.85 18.88 5.68
CA VAL B 14 -4.82 17.75 6.65
C VAL B 14 -5.72 18.03 7.87
N ALA B 15 -6.95 17.53 7.84
CA ALA B 15 -7.87 17.68 8.96
C ALA B 15 -7.51 16.81 10.16
N GLY B 16 -7.12 17.45 11.28
CA GLY B 16 -6.86 16.71 12.51
C GLY B 16 -5.41 16.73 13.00
N VAL B 17 -4.91 17.95 13.23
CA VAL B 17 -3.59 18.16 13.79
C VAL B 17 -3.74 19.16 14.93
N ALA B 18 -3.72 18.65 16.15
CA ALA B 18 -3.80 19.51 17.32
C ALA B 18 -2.41 19.69 17.94
N ASP B 19 -1.55 18.70 17.75
CA ASP B 19 -0.25 18.63 18.40
C ASP B 19 0.72 17.92 17.48
N SER B 20 1.91 17.59 17.98
CA SER B 20 2.92 16.99 17.10
C SER B 20 3.13 15.48 17.26
N HIS B 21 2.23 14.82 17.97
CA HIS B 21 2.36 13.39 18.29
C HIS B 21 1.42 12.45 17.57
N GLY B 22 0.29 12.97 17.09
CA GLY B 22 -0.65 12.20 16.28
C GLY B 22 -0.16 11.90 14.87
N TYR B 23 -0.96 11.12 14.16
CA TYR B 23 -0.69 10.79 12.75
C TYR B 23 -0.78 12.00 11.81
N GLY B 24 -1.80 12.83 12.05
CA GLY B 24 -1.98 14.09 11.36
C GLY B 24 -0.70 14.87 11.21
N TRP B 25 0.02 15.08 12.31
CA TRP B 25 1.31 15.78 12.27
C TRP B 25 2.34 15.02 11.45
N ALA B 26 2.47 13.73 11.75
CA ALA B 26 3.42 12.87 11.06
C ALA B 26 3.20 12.92 9.54
N ILE B 27 1.96 12.90 9.12
CA ILE B 27 1.65 12.87 7.69
C ILE B 27 2.07 14.18 7.03
N ALA B 28 1.62 15.28 7.60
CA ALA B 28 2.00 16.61 7.14
C ALA B 28 3.49 16.70 6.99
N LYS B 29 4.21 16.26 8.03
CA LYS B 29 5.67 16.26 8.02
C LYS B 29 6.20 15.60 6.73
N HIS B 30 5.67 14.43 6.40
CA HIS B 30 6.09 13.68 5.22
C HIS B 30 5.64 14.36 3.93
N LEU B 31 4.37 14.79 3.90
CA LEU B 31 3.82 15.50 2.74
C LEU B 31 4.68 16.71 2.38
N ALA B 32 4.84 17.60 3.35
CA ALA B 32 5.73 18.76 3.21
C ALA B 32 7.12 18.30 2.80
N SER B 33 7.57 17.19 3.38
CA SER B 33 8.90 16.68 3.12
C SER B 33 9.11 16.31 1.66
N ALA B 34 8.02 16.00 0.97
CA ALA B 34 8.07 15.73 -0.46
C ALA B 34 7.83 16.99 -1.30
N GLY B 35 7.76 18.15 -0.63
CA GLY B 35 7.64 19.43 -1.31
C GLY B 35 6.21 19.88 -1.59
N ALA B 36 5.30 19.57 -0.68
CA ALA B 36 3.92 19.99 -0.85
C ALA B 36 3.59 21.13 0.09
N ARG B 37 2.72 22.03 -0.35
CA ARG B 37 2.15 23.03 0.53
C ARG B 37 1.15 22.30 1.40
N VAL B 38 1.21 22.51 2.71
CA VAL B 38 0.32 21.78 3.65
C VAL B 38 -0.43 22.65 4.65
N ALA B 39 -1.75 22.67 4.50
CA ALA B 39 -2.64 23.38 5.41
C ALA B 39 -3.25 22.43 6.44
N LEU B 40 -3.58 22.96 7.61
CA LEU B 40 -4.04 22.12 8.71
C LEU B 40 -5.41 22.54 9.22
N GLY B 41 -6.25 21.54 9.45
CA GLY B 41 -7.50 21.74 10.19
C GLY B 41 -7.27 21.42 11.67
N THR B 42 -7.68 22.33 12.53
CA THR B 42 -7.39 22.23 13.95
C THR B 42 -8.64 22.50 14.79
N TRP B 43 -8.90 21.66 15.79
CA TRP B 43 -10.08 21.79 16.64
C TRP B 43 -10.06 23.16 17.32
N PRO B 44 -11.08 24.01 17.06
CA PRO B 44 -11.02 25.38 17.59
C PRO B 44 -10.55 25.48 19.05
N PRO B 45 -11.24 24.80 20.00
CA PRO B 45 -10.79 24.67 21.38
C PRO B 45 -9.27 24.63 21.60
N VAL B 46 -8.52 23.98 20.71
CA VAL B 46 -7.05 23.98 20.81
C VAL B 46 -6.26 24.80 19.75
N LEU B 47 -6.97 25.43 18.79
CA LEU B 47 -6.33 26.21 17.71
C LEU B 47 -5.38 27.30 18.23
N GLY B 48 -5.72 27.87 19.38
CA GLY B 48 -4.91 28.92 20.01
C GLY B 48 -3.60 28.38 20.51
N LEU B 49 -3.68 27.35 21.36
CA LEU B 49 -2.51 26.74 22.03
C LEU B 49 -1.50 26.15 21.04
N PHE B 50 -2.05 25.50 20.01
CA PHE B 50 -1.27 24.98 18.91
C PHE B 50 -0.54 26.13 18.16
N GLN B 51 -1.28 27.17 17.82
CA GLN B 51 -0.72 28.35 17.15
C GLN B 51 0.38 29.05 17.97
N LYS B 52 0.14 29.22 19.27
CA LYS B 52 1.16 29.75 20.17
C LYS B 52 2.32 28.76 20.25
N SER B 53 2.00 27.47 20.31
CA SER B 53 3.00 26.43 20.44
C SER B 53 3.95 26.35 19.24
N LEU B 54 3.43 26.74 18.08
CA LEU B 54 4.24 26.83 16.88
C LEU B 54 5.18 28.04 16.94
N GLN B 55 4.60 29.24 16.87
CA GLN B 55 5.36 30.49 16.79
C GLN B 55 6.30 30.75 17.99
N SER B 56 6.24 29.90 19.03
CA SER B 56 7.05 30.00 20.24
C SER B 56 8.49 29.60 19.97
N GLY B 57 8.64 28.66 19.05
CA GLY B 57 9.91 28.00 18.81
C GLY B 57 9.80 26.58 19.31
N ARG B 58 8.96 26.35 20.32
CA ARG B 58 8.84 25.04 20.99
C ARG B 58 8.83 23.79 20.07
N LEU B 59 8.16 23.87 18.91
CA LEU B 59 8.03 22.69 18.04
C LEU B 59 9.14 22.48 17.01
N ASP B 60 10.19 23.28 17.08
CA ASP B 60 11.23 23.24 16.04
C ASP B 60 11.99 21.89 15.93
N GLU B 61 12.27 21.21 17.05
CA GLU B 61 12.77 19.84 17.02
C GLU B 61 11.80 18.93 16.27
N ASP B 62 10.49 19.24 16.25
CA ASP B 62 9.48 18.41 15.59
C ASP B 62 9.08 18.87 14.19
N ARG B 63 9.39 20.11 13.82
CA ARG B 63 9.17 20.56 12.45
C ARG B 63 10.38 20.16 11.63
N LYS B 64 11.43 19.72 12.33
CA LYS B 64 12.75 19.51 11.74
C LYS B 64 12.67 18.55 10.57
N LEU B 65 13.22 18.96 9.43
CA LEU B 65 13.25 18.11 8.24
C LEU B 65 14.67 17.65 7.90
N PRO B 66 14.79 16.62 7.03
CA PRO B 66 16.04 16.18 6.37
C PRO B 66 17.12 17.27 6.18
N ASP B 67 16.71 18.46 5.75
CA ASP B 67 17.65 19.55 5.47
C ASP B 67 18.20 20.19 6.75
N GLY B 68 17.34 20.25 7.76
CA GLY B 68 17.55 21.12 8.92
C GLY B 68 16.57 22.29 8.83
N SER B 69 15.90 22.41 7.67
CA SER B 69 14.82 23.38 7.49
C SER B 69 13.58 22.90 8.24
N LEU B 70 12.59 23.77 8.36
CA LEU B 70 11.43 23.44 9.15
C LEU B 70 10.14 23.35 8.33
N ILE B 71 9.17 22.60 8.84
CA ILE B 71 7.87 22.51 8.21
C ILE B 71 7.18 23.86 8.31
N GLU B 72 6.71 24.37 7.18
CA GLU B 72 5.88 25.58 7.16
C GLU B 72 4.50 25.26 6.60
N PHE B 73 3.49 25.98 7.10
CA PHE B 73 2.12 25.69 6.74
C PHE B 73 1.47 26.85 5.99
N ALA B 74 0.60 26.52 5.04
CA ALA B 74 -0.13 27.52 4.26
C ALA B 74 -1.36 28.00 5.01
N GLY B 75 -1.31 27.96 6.34
CA GLY B 75 -2.46 28.34 7.15
C GLY B 75 -2.84 27.19 8.05
N VAL B 76 -3.49 27.53 9.16
CA VAL B 76 -3.85 26.55 10.17
C VAL B 76 -5.28 26.92 10.54
N TYR B 77 -6.25 26.18 10.01
CA TYR B 77 -7.64 26.61 10.12
C TYR B 77 -8.43 25.99 11.28
N PRO B 78 -9.23 26.81 11.98
CA PRO B 78 -10.22 26.24 12.86
C PRO B 78 -11.11 25.34 12.05
N LEU B 79 -11.44 24.20 12.64
CA LEU B 79 -12.20 23.14 12.01
C LEU B 79 -12.77 22.26 13.10
N ASP B 80 -14.08 22.06 13.07
CA ASP B 80 -14.72 21.09 13.94
C ASP B 80 -15.48 20.12 13.02
N ALA B 81 -14.91 18.93 12.85
CA ALA B 81 -15.52 17.88 12.03
C ALA B 81 -16.89 17.38 12.51
N ALA B 82 -17.44 17.97 13.56
CA ALA B 82 -18.77 17.59 14.01
C ALA B 82 -19.83 18.44 13.30
N PHE B 83 -19.41 19.52 12.66
CA PHE B 83 -20.34 20.42 11.98
C PHE B 83 -19.99 20.66 10.50
N ASP B 84 -21.00 20.53 9.64
CA ASP B 84 -20.80 20.65 8.19
C ASP B 84 -21.06 22.09 7.73
N LYS B 85 -22.08 22.71 8.29
CA LYS B 85 -22.40 24.09 7.93
C LYS B 85 -22.94 24.80 9.18
N PRO B 86 -22.91 26.16 9.21
CA PRO B 86 -23.13 26.86 10.48
C PRO B 86 -24.50 26.64 11.07
N GLU B 87 -25.53 26.50 10.24
CA GLU B 87 -26.87 26.23 10.76
C GLU B 87 -26.89 25.03 11.68
N ASP B 88 -25.87 24.17 11.54
CA ASP B 88 -25.71 22.93 12.32
C ASP B 88 -25.20 23.15 13.74
N VAL B 89 -24.56 24.28 13.98
CA VAL B 89 -23.87 24.53 15.25
C VAL B 89 -24.88 24.95 16.32
N PRO B 90 -24.88 24.24 17.48
CA PRO B 90 -25.76 24.56 18.61
C PRO B 90 -25.34 25.87 19.24
N GLN B 91 -26.32 26.56 19.84
CA GLN B 91 -26.10 27.89 20.40
C GLN B 91 -25.00 27.92 21.46
N ASP B 92 -25.08 27.00 22.43
CA ASP B 92 -24.13 26.89 23.57
C ASP B 92 -22.68 26.72 23.12
N ILE B 93 -22.49 26.09 21.97
CA ILE B 93 -21.16 26.01 21.35
C ILE B 93 -20.75 27.38 20.81
N LYS B 94 -21.66 28.08 20.12
CA LYS B 94 -21.39 29.43 19.62
C LYS B 94 -21.02 30.31 20.80
N ASP B 95 -21.73 30.10 21.91
CA ASP B 95 -21.51 30.82 23.17
C ASP B 95 -20.41 30.20 24.05
N ASN B 96 -19.99 28.98 23.74
CA ASN B 96 -18.93 28.31 24.51
C ASN B 96 -17.65 29.15 24.60
N LYS B 97 -17.06 29.15 25.81
CA LYS B 97 -15.87 29.95 26.17
C LYS B 97 -14.64 29.68 25.31
N ARG B 98 -14.41 28.40 25.00
CA ARG B 98 -13.27 27.99 24.20
C ARG B 98 -13.53 28.12 22.70
N TYR B 99 -14.66 28.72 22.33
CA TYR B 99 -15.08 28.82 20.91
C TYR B 99 -15.19 30.23 20.34
N ALA B 100 -15.40 31.22 21.19
CA ALA B 100 -15.50 32.61 20.72
C ALA B 100 -14.14 33.09 20.21
N GLY B 101 -14.15 34.12 19.39
CA GLY B 101 -12.92 34.58 18.74
C GLY B 101 -12.78 33.94 17.38
N VAL B 102 -12.66 32.61 17.38
CA VAL B 102 -12.52 31.83 16.12
C VAL B 102 -13.86 31.54 15.42
N ASP B 103 -13.88 31.74 14.10
CA ASP B 103 -15.10 31.49 13.31
C ASP B 103 -14.88 30.89 11.91
N GLY B 104 -15.98 30.55 11.23
CA GLY B 104 -15.95 29.87 9.94
C GLY B 104 -15.28 28.51 10.07
N TYR B 105 -15.69 27.75 11.08
CA TYR B 105 -15.01 26.50 11.42
C TYR B 105 -15.78 25.24 11.04
N THR B 106 -16.90 25.38 10.34
CA THR B 106 -17.57 24.19 9.84
C THR B 106 -16.81 23.69 8.62
N ILE B 107 -17.02 22.41 8.31
CA ILE B 107 -16.35 21.79 7.19
C ILE B 107 -16.57 22.60 5.89
N LYS B 108 -17.82 22.98 5.61
CA LYS B 108 -18.17 23.71 4.38
C LYS B 108 -17.43 25.03 4.37
N GLU B 109 -17.48 25.75 5.49
CA GLU B 109 -16.86 27.06 5.58
C GLU B 109 -15.37 26.94 5.34
N VAL B 110 -14.76 25.88 5.90
CA VAL B 110 -13.30 25.66 5.77
C VAL B 110 -12.88 25.37 4.32
N ALA B 111 -13.71 24.60 3.61
CA ALA B 111 -13.50 24.31 2.19
C ALA B 111 -13.50 25.60 1.35
N VAL B 112 -14.39 26.51 1.68
CA VAL B 112 -14.53 27.73 0.92
C VAL B 112 -13.29 28.55 1.18
N LYS B 113 -12.90 28.61 2.45
CA LYS B 113 -11.69 29.31 2.86
C LYS B 113 -10.44 28.78 2.15
N VAL B 114 -10.27 27.47 2.09
CA VAL B 114 -9.09 26.87 1.48
C VAL B 114 -9.03 27.26 -0.01
N LYS B 115 -10.18 27.17 -0.67
CA LYS B 115 -10.31 27.51 -2.07
C LYS B 115 -9.99 28.97 -2.36
N GLN B 116 -10.55 29.90 -1.60
CA GLN B 116 -10.24 31.33 -1.77
C GLN B 116 -8.81 31.76 -1.40
N ASP B 117 -8.14 30.97 -0.55
CA ASP B 117 -6.79 31.24 -0.08
C ASP B 117 -5.67 30.57 -0.88
N LEU B 118 -5.94 29.35 -1.37
CA LEU B 118 -4.91 28.49 -1.98
C LEU B 118 -5.31 27.85 -3.31
N GLY B 119 -6.53 28.12 -3.77
CA GLY B 119 -7.01 27.52 -5.00
C GLY B 119 -7.40 26.08 -4.76
N ASN B 120 -7.31 25.27 -5.81
CA ASN B 120 -7.64 23.84 -5.73
C ASN B 120 -6.59 23.08 -4.94
N ILE B 121 -6.99 21.92 -4.42
CA ILE B 121 -6.05 21.10 -3.68
C ILE B 121 -5.83 19.74 -4.35
N ASP B 122 -4.76 19.07 -3.92
CA ASP B 122 -4.35 17.82 -4.52
C ASP B 122 -4.45 16.66 -3.54
N ILE B 123 -4.16 16.92 -2.28
CA ILE B 123 -4.06 15.86 -1.28
C ILE B 123 -5.00 16.16 -0.15
N LEU B 124 -5.82 15.19 0.21
CA LEU B 124 -6.70 15.34 1.37
C LEU B 124 -6.43 14.28 2.44
N VAL B 125 -6.16 14.71 3.67
CA VAL B 125 -5.96 13.75 4.75
C VAL B 125 -7.07 13.86 5.79
N HIS B 126 -7.56 12.75 6.32
CA HIS B 126 -8.61 12.78 7.34
C HIS B 126 -8.09 12.02 8.52
N SER B 127 -7.62 12.75 9.52
CA SER B 127 -6.96 12.14 10.65
C SER B 127 -7.66 12.57 11.93
N LEU B 128 -8.94 12.20 12.02
CA LEU B 128 -9.69 12.50 13.23
C LEU B 128 -10.77 11.51 13.58
N ALA B 129 -10.77 11.13 14.86
CA ALA B 129 -11.63 10.11 15.43
C ALA B 129 -12.02 10.54 16.83
N ASN B 130 -13.30 10.41 17.17
CA ASN B 130 -13.69 10.68 18.57
C ASN B 130 -14.83 9.87 19.19
N GLY B 131 -14.48 9.10 20.21
CA GLY B 131 -15.44 8.25 20.89
C GLY B 131 -15.71 8.65 22.33
N PRO B 132 -16.82 9.36 22.56
CA PRO B 132 -17.13 9.83 23.92
C PRO B 132 -17.34 8.69 24.91
N GLU B 133 -17.54 7.47 24.42
CA GLU B 133 -17.69 6.28 25.28
C GLU B 133 -16.71 5.14 24.98
N VAL B 134 -15.50 5.47 24.52
CA VAL B 134 -14.54 4.45 24.08
C VAL B 134 -14.06 3.47 25.18
N THR B 135 -14.13 3.92 26.42
CA THR B 135 -13.89 3.09 27.60
C THR B 135 -14.92 1.95 27.73
N LYS B 136 -16.14 2.22 27.30
CA LYS B 136 -17.26 1.31 27.53
C LYS B 136 -17.38 0.21 26.51
N PRO B 137 -17.73 -1.01 26.95
CA PRO B 137 -17.97 -2.07 25.98
C PRO B 137 -19.32 -1.85 25.26
N LEU B 138 -19.48 -2.52 24.11
CA LEU B 138 -20.66 -2.31 23.27
C LEU B 138 -21.98 -2.48 24.03
N LEU B 139 -22.02 -3.38 25.02
CA LEU B 139 -23.26 -3.66 25.76
C LEU B 139 -23.52 -2.63 26.82
N GLU B 140 -22.61 -1.68 26.95
CA GLU B 140 -22.74 -0.59 27.88
C GLU B 140 -22.64 0.76 27.17
N THR B 141 -22.76 0.74 25.83
CA THR B 141 -22.70 1.96 25.00
C THR B 141 -24.10 2.46 24.71
N SER B 142 -24.28 3.78 24.84
CA SER B 142 -25.59 4.41 24.68
C SER B 142 -25.78 4.72 23.23
N ARG B 143 -27.02 5.01 22.84
CA ARG B 143 -27.25 5.48 21.50
C ARG B 143 -26.43 6.74 21.26
N LYS B 144 -26.67 7.78 22.06
CA LYS B 144 -25.98 9.07 21.87
C LYS B 144 -24.49 8.79 21.70
N GLY B 145 -23.93 7.90 22.52
CA GLY B 145 -22.51 7.58 22.47
C GLY B 145 -22.13 7.05 21.09
N TYR B 146 -22.61 5.84 20.80
CA TYR B 146 -22.51 5.23 19.48
C TYR B 146 -22.64 6.26 18.33
N LEU B 147 -23.79 6.96 18.27
CA LEU B 147 -24.07 7.91 17.18
C LEU B 147 -23.04 9.03 17.11
N ALA B 148 -22.51 9.43 18.26
CA ALA B 148 -21.46 10.46 18.30
C ALA B 148 -20.15 9.91 17.75
N ALA B 149 -19.81 8.69 18.12
CA ALA B 149 -18.55 8.07 17.70
C ALA B 149 -18.50 8.02 16.18
N SER B 150 -19.66 7.77 15.58
CA SER B 150 -19.76 7.64 14.13
C SER B 150 -19.73 8.98 13.44
N SER B 151 -20.44 9.93 14.03
CA SER B 151 -20.48 11.27 13.49
C SER B 151 -19.06 11.81 13.38
N ASN B 152 -18.31 11.74 14.48
CA ASN B 152 -16.97 12.32 14.52
C ASN B 152 -15.98 11.53 13.68
N SER B 153 -16.10 10.21 13.71
CA SER B 153 -15.10 9.37 13.08
C SER B 153 -15.43 9.00 11.68
N ALA B 154 -16.68 8.65 11.43
CA ALA B 154 -17.01 8.09 10.13
C ALA B 154 -17.56 9.11 9.16
N TYR B 155 -18.63 9.81 9.56
CA TYR B 155 -19.33 10.70 8.65
C TYR B 155 -18.54 11.96 8.32
N SER B 156 -17.63 12.33 9.22
CA SER B 156 -16.76 13.48 8.96
C SER B 156 -15.88 13.29 7.70
N PHE B 157 -15.51 12.05 7.38
CA PHE B 157 -14.79 11.82 6.13
C PHE B 157 -15.67 12.13 4.92
N VAL B 158 -16.88 11.59 4.93
CA VAL B 158 -17.84 11.83 3.85
C VAL B 158 -18.10 13.32 3.61
N SER B 159 -18.35 14.04 4.70
CA SER B 159 -18.58 15.48 4.63
C SER B 159 -17.38 16.17 4.03
N LEU B 160 -16.19 15.81 4.52
CA LEU B 160 -14.94 16.36 4.05
C LEU B 160 -14.83 16.21 2.54
N LEU B 161 -15.03 14.98 2.07
CA LEU B 161 -14.94 14.69 0.66
C LEU B 161 -15.99 15.44 -0.13
N GLN B 162 -17.22 15.48 0.38
CA GLN B 162 -18.29 16.29 -0.21
C GLN B 162 -17.84 17.73 -0.50
N HIS B 163 -17.21 18.35 0.49
CA HIS B 163 -16.84 19.74 0.38
C HIS B 163 -15.48 19.96 -0.26
N PHE B 164 -14.56 19.01 -0.11
CA PHE B 164 -13.28 19.22 -0.77
C PHE B 164 -13.30 18.72 -2.20
N GLY B 165 -13.94 17.59 -2.43
CA GLY B 165 -14.08 17.07 -3.80
C GLY B 165 -14.17 18.14 -4.87
N PRO B 166 -15.16 19.05 -4.76
CA PRO B 166 -15.38 20.05 -5.79
C PRO B 166 -14.21 21.02 -5.99
N ILE B 167 -13.25 21.03 -5.07
CA ILE B 167 -12.04 21.86 -5.20
C ILE B 167 -10.79 20.99 -5.24
N MSE B 168 -10.93 19.77 -5.75
CA MSE B 168 -9.81 18.82 -5.82
C MSE B 168 -9.43 18.52 -7.25
O MSE B 168 -10.27 18.10 -8.05
CB MSE B 168 -10.12 17.52 -5.10
CG MSE B 168 -10.40 17.66 -3.64
SE MSE B 168 -10.09 15.96 -2.81
CE MSE B 168 -11.48 15.89 -1.66
N ASN B 169 -8.16 18.72 -7.58
CA ASN B 169 -7.68 18.47 -8.93
C ASN B 169 -7.87 17.02 -9.36
N GLU B 170 -8.14 16.81 -10.64
CA GLU B 170 -8.15 15.47 -11.21
C GLU B 170 -6.81 14.76 -10.98
N GLY B 171 -6.88 13.50 -10.52
CA GLY B 171 -5.70 12.73 -10.10
C GLY B 171 -5.40 12.88 -8.61
N GLY B 172 -6.06 13.83 -7.97
CA GLY B 172 -5.91 14.07 -6.54
C GLY B 172 -6.38 12.88 -5.74
N SER B 173 -6.02 12.84 -4.46
CA SER B 173 -6.30 11.67 -3.63
C SER B 173 -6.56 11.99 -2.14
N ALA B 174 -7.31 11.14 -1.46
CA ALA B 174 -7.61 11.32 -0.01
C ALA B 174 -7.34 10.06 0.82
N VAL B 175 -7.06 10.25 2.10
CA VAL B 175 -6.65 9.15 2.97
C VAL B 175 -7.20 9.31 4.39
N THR B 176 -7.54 8.21 5.02
CA THR B 176 -8.06 8.23 6.37
C THR B 176 -7.38 7.17 7.20
N LEU B 177 -7.71 7.11 8.50
CA LEU B 177 -7.09 6.16 9.42
C LEU B 177 -8.11 5.24 10.09
N SER B 178 -7.79 3.95 10.14
CA SER B 178 -8.64 2.96 10.79
C SER B 178 -7.83 2.07 11.75
N TYR B 179 -8.54 1.11 12.34
CA TYR B 179 -7.94 0.16 13.26
C TYR B 179 -8.53 -1.23 13.07
N LEU B 180 -7.72 -2.23 13.37
CA LEU B 180 -8.16 -3.63 13.31
C LEU B 180 -9.63 -3.80 13.70
N ALA B 181 -10.02 -3.23 14.84
CA ALA B 181 -11.28 -3.56 15.48
C ALA B 181 -12.47 -3.44 14.55
N ALA B 182 -12.28 -2.70 13.45
CA ALA B 182 -13.27 -2.55 12.39
C ALA B 182 -13.66 -3.90 11.82
N GLU B 183 -12.64 -4.76 11.63
CA GLU B 183 -12.78 -6.07 11.01
C GLU B 183 -12.72 -7.26 11.94
N ARG B 184 -12.05 -7.09 13.05
CA ARG B 184 -11.88 -8.16 14.00
C ARG B 184 -11.98 -7.62 15.41
N VAL B 185 -12.72 -8.33 16.26
CA VAL B 185 -12.96 -7.88 17.63
C VAL B 185 -11.65 -7.63 18.36
N VAL B 186 -11.59 -6.50 19.07
CA VAL B 186 -10.46 -6.12 19.91
C VAL B 186 -11.01 -5.52 21.20
N PRO B 187 -11.08 -6.31 22.29
CA PRO B 187 -11.71 -5.77 23.51
C PRO B 187 -10.99 -4.52 24.01
N GLY B 188 -11.75 -3.57 24.55
CA GLY B 188 -11.22 -2.27 24.96
C GLY B 188 -11.85 -1.21 24.09
N TYR B 189 -11.62 -1.34 22.80
CA TYR B 189 -12.14 -0.50 21.71
C TYR B 189 -13.62 -0.87 21.35
N GLY B 190 -14.67 -0.22 21.87
CA GLY B 190 -14.70 0.98 22.66
C GLY B 190 -15.90 1.80 22.16
N GLY B 191 -17.05 1.64 22.81
CA GLY B 191 -18.22 2.53 22.58
C GLY B 191 -18.68 2.86 21.16
N GLY B 192 -18.57 1.91 20.24
CA GLY B 192 -19.01 2.15 18.86
C GLY B 192 -17.89 2.64 17.96
N MSE B 193 -16.68 2.78 18.53
CA MSE B 193 -15.52 3.20 17.77
C MSE B 193 -15.15 2.16 16.75
O MSE B 193 -14.81 2.48 15.62
CB MSE B 193 -14.33 3.46 18.67
CG MSE B 193 -14.27 4.89 19.19
SE MSE B 193 -14.51 6.22 17.77
CE MSE B 193 -13.13 5.61 16.47
N SER B 194 -15.25 0.91 17.16
CA SER B 194 -15.04 -0.19 16.24
C SER B 194 -16.01 -0.07 15.06
N SER B 195 -17.26 0.26 15.36
CA SER B 195 -18.34 0.18 14.39
C SER B 195 -18.18 1.32 13.40
N ALA B 196 -17.91 2.50 13.94
CA ALA B 196 -17.63 3.65 13.12
C ALA B 196 -16.49 3.37 12.13
N LYS B 197 -15.40 2.80 12.63
CA LYS B 197 -14.29 2.41 11.79
C LYS B 197 -14.75 1.50 10.66
N ALA B 198 -15.57 0.49 10.96
CA ALA B 198 -16.11 -0.37 9.90
C ALA B 198 -16.81 0.49 8.84
N ALA B 199 -17.54 1.50 9.31
CA ALA B 199 -18.31 2.36 8.43
C ALA B 199 -17.37 3.17 7.58
N LEU B 200 -16.26 3.56 8.19
CA LEU B 200 -15.25 4.38 7.50
C LEU B 200 -14.64 3.59 6.34
N GLU B 201 -14.29 2.33 6.61
CA GLU B 201 -13.71 1.47 5.60
C GLU B 201 -14.69 1.20 4.44
N SER B 202 -15.97 1.02 4.73
CA SER B 202 -16.99 0.92 3.69
C SER B 202 -17.11 2.25 2.93
N ASP B 203 -17.12 3.35 3.68
CA ASP B 203 -17.24 4.64 3.03
C ASP B 203 -15.99 4.94 2.21
N THR B 204 -14.83 4.50 2.72
CA THR B 204 -13.56 4.58 1.97
C THR B 204 -13.71 3.93 0.58
N ARG B 205 -14.32 2.74 0.55
CA ARG B 205 -14.62 2.04 -0.68
C ARG B 205 -15.68 2.77 -1.49
N THR B 206 -16.88 2.94 -0.96
CA THR B 206 -17.91 3.64 -1.72
C THR B 206 -17.41 4.98 -2.32
N LEU B 207 -16.66 5.75 -1.51
CA LEU B 207 -16.22 7.08 -1.89
C LEU B 207 -15.12 7.02 -2.92
N ALA B 208 -14.42 5.89 -2.98
CA ALA B 208 -13.43 5.72 -4.01
C ALA B 208 -14.17 5.55 -5.34
N TRP B 209 -15.35 4.97 -5.28
CA TRP B 209 -16.15 4.84 -6.49
C TRP B 209 -16.75 6.18 -6.89
N GLU B 210 -17.33 6.87 -5.90
CA GLU B 210 -18.04 8.12 -6.18
C GLU B 210 -17.14 9.24 -6.70
N ALA B 211 -16.06 9.48 -5.95
CA ALA B 211 -15.07 10.46 -6.32
C ALA B 211 -14.22 10.00 -7.50
N GLY B 212 -14.03 8.69 -7.64
CA GLY B 212 -13.30 8.21 -8.80
C GLY B 212 -13.96 8.71 -10.08
N GLN B 213 -15.27 8.69 -10.08
CA GLN B 213 -16.07 8.97 -11.28
C GLN B 213 -16.32 10.44 -11.49
N LYS B 214 -16.67 11.14 -10.42
CA LYS B 214 -17.14 12.53 -10.52
C LYS B 214 -15.98 13.50 -10.55
N TYR B 215 -14.85 13.09 -9.95
CA TYR B 215 -13.74 13.98 -9.67
C TYR B 215 -12.42 13.42 -10.13
N GLY B 216 -12.37 12.11 -10.37
CA GLY B 216 -11.12 11.44 -10.72
C GLY B 216 -10.20 11.46 -9.52
N VAL B 217 -10.76 11.13 -8.36
CA VAL B 217 -10.01 11.22 -7.10
C VAL B 217 -9.90 9.90 -6.36
N ARG B 218 -8.68 9.56 -5.95
CA ARG B 218 -8.42 8.29 -5.21
C ARG B 218 -8.73 8.41 -3.72
N VAL B 219 -9.42 7.41 -3.20
CA VAL B 219 -9.86 7.45 -1.83
C VAL B 219 -9.42 6.14 -1.20
N ASN B 220 -8.57 6.24 -0.18
CA ASN B 220 -7.97 5.09 0.45
C ASN B 220 -7.96 5.22 1.96
N ALA B 221 -7.66 4.13 2.67
CA ALA B 221 -7.53 4.09 4.14
C ALA B 221 -6.28 3.34 4.62
N ILE B 222 -5.70 3.78 5.72
CA ILE B 222 -4.66 3.05 6.42
C ILE B 222 -5.28 2.56 7.70
N SER B 223 -5.33 1.24 7.88
CA SER B 223 -5.59 0.67 9.20
C SER B 223 -4.25 0.55 9.93
N ALA B 224 -4.10 1.24 11.05
CA ALA B 224 -2.80 1.30 11.74
C ALA B 224 -2.73 0.48 13.01
N GLY B 225 -1.51 0.17 13.43
CA GLY B 225 -1.28 -0.47 14.72
C GLY B 225 -1.42 0.55 15.84
N PRO B 226 -1.03 0.18 17.08
CA PRO B 226 -1.10 1.14 18.16
C PRO B 226 0.23 1.90 18.34
N LEU B 227 0.14 3.24 18.53
CA LEU B 227 1.32 4.12 18.71
C LEU B 227 2.04 3.87 20.01
N SER B 242 -2.12 1.11 30.60
CA SER B 242 -3.44 1.38 30.04
C SER B 242 -3.73 0.44 28.87
N PHE B 243 -5.02 0.38 28.50
CA PHE B 243 -5.39 -0.18 27.22
C PHE B 243 -4.25 -0.17 26.23
N ILE B 244 -3.65 0.98 26.04
CA ILE B 244 -2.58 1.10 25.07
C ILE B 244 -1.42 0.27 25.50
N ASP B 245 -0.74 0.70 26.56
CA ASP B 245 0.54 0.05 26.93
C ASP B 245 0.53 -1.45 26.67
N TYR B 246 -0.57 -2.09 27.02
CA TYR B 246 -0.74 -3.51 26.81
C TYR B 246 -0.79 -3.82 25.32
N ALA B 247 -1.59 -3.04 24.59
CA ALA B 247 -1.69 -3.17 23.13
C ALA B 247 -0.34 -3.04 22.42
N ILE B 248 0.47 -2.06 22.83
CA ILE B 248 1.83 -1.92 22.31
C ILE B 248 2.67 -3.19 22.51
N ASP B 249 2.68 -3.72 23.73
CA ASP B 249 3.39 -4.95 24.00
C ASP B 249 2.75 -6.15 23.33
N TYR B 250 1.42 -6.18 23.28
CA TYR B 250 0.73 -7.22 22.53
C TYR B 250 1.36 -7.34 21.14
N SER B 251 1.37 -6.24 20.39
CA SER B 251 1.82 -6.25 19.01
C SER B 251 3.29 -6.50 18.95
N TYR B 252 4.02 -5.95 19.91
CA TYR B 252 5.46 -6.20 19.97
C TYR B 252 5.72 -7.71 20.01
N ASN B 253 4.87 -8.46 20.71
CA ASN B 253 5.10 -9.88 20.94
C ASN B 253 4.37 -10.84 20.02
N ASN B 254 3.53 -10.32 19.15
CA ASN B 254 2.68 -11.18 18.36
C ASN B 254 2.66 -10.87 16.91
N ALA B 255 3.32 -9.76 16.55
CA ALA B 255 3.43 -9.29 15.18
C ALA B 255 4.44 -10.13 14.46
N PRO B 256 4.32 -10.25 13.14
CA PRO B 256 5.39 -10.73 12.29
C PRO B 256 6.70 -9.94 12.49
N LEU B 257 6.59 -8.69 12.94
CA LEU B 257 7.75 -7.83 13.16
C LEU B 257 7.97 -7.42 14.63
N ARG B 258 9.09 -7.88 15.20
CA ARG B 258 9.46 -7.58 16.59
C ARG B 258 9.97 -6.14 16.72
N ARG B 259 9.07 -5.18 16.53
CA ARG B 259 9.42 -3.78 16.54
C ARG B 259 8.19 -2.94 16.90
N ASP B 260 8.45 -1.73 17.40
CA ASP B 260 7.40 -0.79 17.76
C ASP B 260 6.85 -0.06 16.57
N LEU B 261 5.58 0.32 16.65
CA LEU B 261 4.98 1.14 15.59
C LEU B 261 5.17 2.64 15.83
N HIS B 262 6.17 3.20 15.17
CA HIS B 262 6.40 4.63 15.18
C HIS B 262 5.34 5.37 14.32
N SER B 263 5.10 6.65 14.61
CA SER B 263 4.20 7.49 13.81
C SER B 263 4.68 7.71 12.37
N ASP B 264 6.00 7.68 12.19
CA ASP B 264 6.62 7.84 10.88
C ASP B 264 6.29 6.70 9.94
N ASP B 265 6.03 5.53 10.52
CA ASP B 265 5.65 4.37 9.76
C ASP B 265 4.33 4.62 9.04
N VAL B 266 3.37 5.22 9.74
CA VAL B 266 2.08 5.58 9.15
C VAL B 266 2.22 6.78 8.22
N GLY B 267 2.84 7.85 8.70
CA GLY B 267 3.13 8.99 7.84
C GLY B 267 3.76 8.52 6.54
N GLY B 268 4.87 7.79 6.66
CA GLY B 268 5.52 7.17 5.51
C GLY B 268 4.52 6.61 4.53
N ALA B 269 3.68 5.70 5.02
CA ALA B 269 2.70 4.99 4.21
C ALA B 269 1.64 5.91 3.59
N ALA B 270 1.25 6.97 4.30
CA ALA B 270 0.26 7.90 3.76
C ALA B 270 0.82 8.69 2.57
N LEU B 271 2.12 8.99 2.65
CA LEU B 271 2.81 9.73 1.61
C LEU B 271 2.64 9.00 0.29
N PHE B 272 2.78 7.68 0.33
CA PHE B 272 2.65 6.89 -0.85
C PHE B 272 1.23 6.95 -1.39
N LEU B 273 0.27 6.65 -0.52
CA LEU B 273 -1.12 6.64 -0.91
C LEU B 273 -1.50 7.96 -1.55
N LEU B 274 -0.76 9.01 -1.21
CA LEU B 274 -1.10 10.34 -1.68
C LEU B 274 -0.10 10.83 -2.70
N SER B 275 0.76 9.96 -3.19
CA SER B 275 1.66 10.33 -4.25
C SER B 275 1.18 9.71 -5.57
N PRO B 276 1.69 10.21 -6.71
CA PRO B 276 1.29 9.59 -7.98
C PRO B 276 1.91 8.19 -8.22
N LEU B 277 2.72 7.70 -7.29
CA LEU B 277 3.06 6.28 -7.29
C LEU B 277 1.84 5.41 -7.00
N ALA B 278 0.82 5.96 -6.37
CA ALA B 278 -0.37 5.18 -6.13
C ALA B 278 -1.52 5.60 -7.06
N ARG B 279 -1.21 5.90 -8.30
CA ARG B 279 -2.22 6.45 -9.19
C ARG B 279 -3.31 5.43 -9.58
N ALA B 280 -3.04 4.16 -9.31
CA ALA B 280 -3.97 3.09 -9.65
C ALA B 280 -4.54 2.44 -8.39
N VAL B 281 -4.25 3.05 -7.23
CA VAL B 281 -4.62 2.51 -5.93
C VAL B 281 -5.83 3.25 -5.31
N SER B 282 -6.97 2.58 -5.22
CA SER B 282 -8.18 3.23 -4.65
C SER B 282 -9.13 2.26 -3.99
N GLY B 283 -9.79 2.70 -2.92
CA GLY B 283 -10.72 1.84 -2.16
C GLY B 283 -10.02 0.88 -1.21
N VAL B 284 -8.72 1.02 -1.07
CA VAL B 284 -7.88 0.09 -0.35
C VAL B 284 -7.90 0.28 1.19
N THR B 285 -7.59 -0.76 1.95
CA THR B 285 -7.32 -0.63 3.38
C THR B 285 -5.94 -1.19 3.57
N LEU B 286 -4.97 -0.31 3.79
CA LEU B 286 -3.59 -0.75 3.86
C LEU B 286 -3.21 -1.00 5.32
N TYR B 287 -2.88 -2.24 5.66
CA TYR B 287 -2.38 -2.48 7.02
C TYR B 287 -0.91 -2.05 7.22
N VAL B 288 -0.76 -1.06 8.09
CA VAL B 288 0.52 -0.51 8.43
C VAL B 288 0.55 -0.82 9.91
N ASP B 289 0.95 -2.04 10.25
CA ASP B 289 0.81 -2.51 11.63
C ASP B 289 1.82 -3.57 12.06
N ASN B 290 3.02 -3.49 11.51
CA ASN B 290 4.05 -4.53 11.70
C ASN B 290 3.58 -5.97 11.37
N GLY B 291 2.39 -6.03 10.75
CA GLY B 291 1.87 -7.24 10.15
C GLY B 291 0.90 -8.00 11.04
N LEU B 292 0.45 -7.38 12.11
CA LEU B 292 -0.40 -8.08 13.06
C LEU B 292 -1.67 -8.59 12.41
N HIS B 293 -2.23 -7.79 11.51
CA HIS B 293 -3.46 -8.18 10.81
C HIS B 293 -3.41 -9.62 10.26
N ALA B 294 -2.20 -10.10 9.96
CA ALA B 294 -2.01 -11.35 9.25
C ALA B 294 -2.08 -12.62 10.10
N MSE B 295 -2.01 -12.49 11.43
CA MSE B 295 -2.05 -13.67 12.28
C MSE B 295 -3.48 -14.10 12.64
O MSE B 295 -4.41 -13.27 12.71
CB MSE B 295 -1.27 -13.41 13.55
CG MSE B 295 0.00 -12.66 13.33
SE MSE B 295 1.32 -13.80 12.47
CE MSE B 295 1.68 -14.96 14.05
N GLY B 296 -3.62 -15.41 12.84
CA GLY B 296 -4.85 -16.02 13.37
C GLY B 296 -4.67 -16.56 14.77
N GLN B 297 -3.69 -16.03 15.50
CA GLN B 297 -3.28 -16.58 16.81
C GLN B 297 -2.07 -15.85 17.43
N ALA B 298 -2.21 -15.50 18.71
CA ALA B 298 -1.11 -14.92 19.47
C ALA B 298 -0.12 -16.00 19.90
N VAL B 299 1.17 -15.69 19.76
CA VAL B 299 2.22 -16.66 20.12
C VAL B 299 2.57 -16.59 21.60
N ASP B 300 2.25 -15.48 22.26
CA ASP B 300 2.53 -15.32 23.70
C ASP B 300 1.35 -15.68 24.61
N SER B 301 0.37 -16.39 24.08
CA SER B 301 -0.78 -16.89 24.84
C SER B 301 -0.39 -17.69 26.10
N ARG B 302 -1.13 -17.50 27.18
CA ARG B 302 -1.02 -18.33 28.39
C ARG B 302 -1.26 -19.83 28.17
N SER B 303 -1.82 -20.18 27.01
CA SER B 303 -2.20 -21.55 26.66
C SER B 303 -1.10 -22.29 25.87
N MSE B 304 -0.19 -21.51 25.28
CA MSE B 304 1.05 -22.02 24.70
C MSE B 304 2.13 -21.91 25.75
O MSE B 304 2.00 -21.09 26.67
CB MSE B 304 1.50 -21.18 23.49
CG MSE B 304 0.38 -20.53 22.68
SE MSE B 304 -0.62 -21.88 21.70
CE MSE B 304 0.47 -21.85 19.97
N PRO B 305 3.21 -22.70 25.62
CA PRO B 305 4.42 -22.43 26.43
C PRO B 305 5.26 -21.37 25.70
N PRO B 306 6.28 -20.78 26.37
CA PRO B 306 6.95 -19.59 25.79
C PRO B 306 8.03 -19.92 24.76
#